data_3QXM
#
_entry.id   3QXM
#
_cell.length_a   46.353
_cell.length_b   105.684
_cell.length_c   57.999
_cell.angle_alpha   90.00
_cell.angle_beta   102.27
_cell.angle_gamma   90.00
#
_symmetry.space_group_name_H-M   'P 1 21 1'
#
loop_
_entity.id
_entity.type
_entity.pdbx_description
1 polymer 'Glutamate receptor ionotropic, kainate 2'
2 non-polymer '(2R,3aR,6R,7R,7aR)-2-[(2S)-2-amino-2-carboxyethyl]-6,7-dihydroxyhexahydro-2H-furo[3,2-b]pyran-2-carboxylic acid'
3 water water
#
_entity_poly.entity_id   1
_entity_poly.type   'polypeptide(L)'
_entity_poly.pdbx_seq_one_letter_code
;SNRSLIVTTILEEPYVLFKKSDKPLYGNDRFEGYCIDLLRELSTILGFTYEIRLVEDGKYGAQDDANGQWNGMVRELIDH
KADLAVAPLAITYVREKVIDFSKPFMTLGISILYRKGTPIDSADDLAKQTKIEYGAVEDGATMTFFKKSKISTYDKMWAF
MSSRRQSVLVKSNEEGIQRVLTSDYAFLMESTTIEFVTQRNCNLTQIGGLIDSKGYGVGTPMGSPYRDKITIAILQLQEE
GKLHMMKEKWWRGNGCPE
;
_entity_poly.pdbx_strand_id   A,B
#
loop_
_chem_comp.id
_chem_comp.type
_chem_comp.name
_chem_comp.formula
NDZ non-polymer '(2R,3aR,6R,7R,7aR)-2-[(2S)-2-amino-2-carboxyethyl]-6,7-dihydroxyhexahydro-2H-furo[3,2-b]pyran-2-carboxylic acid' 'C11 H17 N O8'
#
# COMPACT_ATOMS: atom_id res chain seq x y z
N ARG A 3 -10.66 20.21 -33.35
CA ARG A 3 -10.56 19.01 -34.21
C ARG A 3 -10.22 17.81 -33.31
N SER A 4 -9.18 17.09 -33.68
CA SER A 4 -8.65 16.06 -32.82
C SER A 4 -8.01 16.71 -31.57
N LEU A 5 -8.09 16.02 -30.43
CA LEU A 5 -7.51 16.47 -29.18
C LEU A 5 -6.00 16.26 -29.18
N ILE A 6 -5.28 17.15 -28.52
CA ILE A 6 -3.85 16.97 -28.40
C ILE A 6 -3.62 16.42 -26.99
N VAL A 7 -2.96 15.28 -26.92
CA VAL A 7 -2.79 14.62 -25.61
C VAL A 7 -1.30 14.54 -25.32
N THR A 8 -0.89 15.22 -24.26
CA THR A 8 0.50 15.14 -23.85
C THR A 8 0.74 13.95 -22.93
N THR A 9 1.95 13.42 -22.98
CA THR A 9 2.34 12.29 -22.17
C THR A 9 3.81 12.30 -22.00
N ILE A 10 4.31 11.28 -21.30
CA ILE A 10 5.76 11.20 -21.04
C ILE A 10 6.14 9.72 -21.08
N LEU A 11 7.37 9.40 -21.52
CA LEU A 11 7.82 8.00 -21.59
C LEU A 11 8.07 7.51 -20.15
N GLU A 12 7.38 6.44 -19.77
CA GLU A 12 7.58 5.79 -18.47
C GLU A 12 7.04 4.37 -18.57
N GLU A 13 7.92 3.37 -18.51
CA GLU A 13 7.51 1.97 -18.58
C GLU A 13 6.79 1.54 -17.28
N PRO A 14 5.69 0.78 -17.39
CA PRO A 14 5.04 0.26 -18.61
C PRO A 14 3.82 1.09 -19.02
N TYR A 15 3.73 2.32 -18.51
CA TYR A 15 2.60 3.21 -18.80
C TYR A 15 2.63 3.75 -20.22
N VAL A 16 3.82 4.11 -20.71
CA VAL A 16 3.96 4.71 -22.05
C VAL A 16 5.34 4.36 -22.59
N LEU A 17 5.38 3.66 -23.74
CA LEU A 17 6.64 3.27 -24.39
C LEU A 17 6.55 3.56 -25.88
N PHE A 18 7.70 3.76 -26.52
CA PHE A 18 7.74 3.62 -27.97
C PHE A 18 7.48 2.17 -28.40
N LYS A 19 6.46 1.98 -29.23
CA LYS A 19 6.17 0.62 -29.72
C LYS A 19 7.28 0.21 -30.68
N LYS A 20 7.94 -0.92 -30.43
CA LYS A 20 9.01 -1.39 -31.31
C LYS A 20 8.41 -2.27 -32.42
N SER A 21 8.81 -2.03 -33.66
CA SER A 21 8.25 -2.79 -34.79
C SER A 21 9.17 -2.75 -36.00
N ASP A 22 9.07 -3.76 -36.85
CA ASP A 22 9.88 -3.84 -38.08
C ASP A 22 9.28 -2.92 -39.17
N LYS A 23 7.94 -2.95 -39.29
CA LYS A 23 7.22 -2.14 -40.26
C LYS A 23 7.10 -0.71 -39.71
N PRO A 24 7.36 0.31 -40.56
CA PRO A 24 7.16 1.69 -40.09
C PRO A 24 5.79 1.85 -39.43
N LEU A 25 5.77 2.53 -38.27
CA LEU A 25 4.57 2.82 -37.49
C LEU A 25 4.18 4.29 -37.65
N TYR A 26 2.88 4.57 -37.61
CA TYR A 26 2.43 5.96 -37.84
C TYR A 26 1.43 6.39 -36.81
N GLY A 27 1.42 7.69 -36.55
CA GLY A 27 0.44 8.31 -35.64
C GLY A 27 0.42 7.68 -34.27
N ASN A 28 -0.79 7.46 -33.74
CA ASN A 28 -0.91 6.94 -32.40
C ASN A 28 -0.37 5.53 -32.22
N ASP A 29 -0.18 4.80 -33.33
CA ASP A 29 0.35 3.44 -33.29
C ASP A 29 1.84 3.42 -32.92
N ARG A 30 2.49 4.60 -32.86
CA ARG A 30 3.91 4.62 -32.53
C ARG A 30 4.15 4.38 -31.06
N PHE A 31 3.10 4.45 -30.25
CA PHE A 31 3.23 4.31 -28.80
C PHE A 31 2.41 3.11 -28.30
N GLU A 32 2.80 2.59 -27.14
CA GLU A 32 2.04 1.57 -26.46
C GLU A 32 2.22 1.68 -24.95
N GLY A 33 1.36 0.98 -24.20
CA GLY A 33 1.52 0.95 -22.75
C GLY A 33 0.13 1.05 -22.08
N TYR A 34 0.12 0.90 -20.77
CA TYR A 34 -1.13 0.92 -20.03
C TYR A 34 -1.88 2.25 -20.31
N CYS A 35 -1.15 3.37 -20.25
CA CYS A 35 -1.82 4.66 -20.47
C CYS A 35 -2.25 4.85 -21.90
N ILE A 36 -1.56 4.20 -22.84
CA ILE A 36 -1.90 4.26 -24.27
C ILE A 36 -3.19 3.47 -24.52
N ASP A 37 -3.28 2.26 -23.93
CA ASP A 37 -4.55 1.51 -23.91
C ASP A 37 -5.67 2.30 -23.25
N LEU A 38 -5.41 2.91 -22.09
CA LEU A 38 -6.45 3.75 -21.42
C LEU A 38 -6.94 4.81 -22.39
N LEU A 39 -6.00 5.59 -22.95
CA LEU A 39 -6.36 6.68 -23.88
C LEU A 39 -7.23 6.19 -25.03
N ARG A 40 -6.88 5.07 -25.62
CA ARG A 40 -7.68 4.53 -26.69
C ARG A 40 -9.13 4.23 -26.27
N GLU A 41 -9.28 3.63 -25.08
CA GLU A 41 -10.62 3.31 -24.60
C GLU A 41 -11.35 4.63 -24.31
N LEU A 42 -10.67 5.61 -23.76
CA LEU A 42 -11.34 6.89 -23.50
C LEU A 42 -11.89 7.44 -24.82
N SER A 43 -11.09 7.37 -25.87
CA SER A 43 -11.44 7.96 -27.16
C SER A 43 -12.67 7.30 -27.82
N THR A 44 -12.78 5.97 -27.68
CA THR A 44 -13.93 5.26 -28.28
C THR A 44 -15.20 5.38 -27.45
N ILE A 45 -15.04 5.37 -26.12
CA ILE A 45 -16.16 5.61 -25.21
C ILE A 45 -16.77 7.02 -25.38
N LEU A 46 -15.93 8.04 -25.52
CA LEU A 46 -16.45 9.42 -25.49
C LEU A 46 -16.61 10.04 -26.87
N GLY A 47 -16.06 9.37 -27.88
CA GLY A 47 -16.20 9.83 -29.27
C GLY A 47 -15.25 10.95 -29.70
N PHE A 48 -13.96 10.81 -29.39
CA PHE A 48 -12.99 11.79 -29.88
C PHE A 48 -11.83 11.16 -30.62
N THR A 49 -11.16 11.97 -31.43
CA THR A 49 -9.95 11.56 -32.10
C THR A 49 -8.81 12.34 -31.42
N TYR A 50 -7.61 11.85 -31.58
CA TYR A 50 -6.48 12.47 -30.85
C TYR A 50 -5.15 12.22 -31.50
N GLU A 51 -4.20 13.08 -31.12
CA GLU A 51 -2.78 12.89 -31.42
C GLU A 51 -1.99 12.92 -30.09
N ILE A 52 -0.97 12.09 -30.02
CA ILE A 52 -0.07 12.02 -28.86
C ILE A 52 1.19 12.88 -29.09
N ARG A 53 1.49 13.76 -28.13
CA ARG A 53 2.72 14.53 -28.12
C ARG A 53 3.49 14.16 -26.85
N LEU A 54 4.80 14.09 -26.95
CA LEU A 54 5.65 13.88 -25.78
C LEU A 54 5.93 15.24 -25.19
N VAL A 55 5.78 15.34 -23.88
CA VAL A 55 5.94 16.63 -23.20
C VAL A 55 7.33 17.19 -23.56
N GLU A 56 7.38 18.45 -23.92
CA GLU A 56 8.63 18.97 -24.54
C GLU A 56 9.79 19.15 -23.66
N ASP A 57 9.51 19.63 -22.46
CA ASP A 57 10.58 19.77 -21.55
C ASP A 57 10.92 18.51 -20.77
N GLY A 58 10.24 17.37 -21.09
CA GLY A 58 10.56 16.09 -20.49
C GLY A 58 10.25 15.94 -19.01
N LYS A 59 9.37 16.79 -18.48
CA LYS A 59 9.09 16.82 -17.04
C LYS A 59 7.60 16.54 -16.75
N TYR A 60 7.35 16.02 -15.54
CA TYR A 60 6.00 15.78 -15.11
C TYR A 60 5.34 17.09 -14.72
N GLY A 61 5.97 17.78 -13.78
CA GLY A 61 5.45 19.10 -13.46
C GLY A 61 5.63 19.50 -12.03
N ALA A 62 6.37 20.59 -11.80
CA ALA A 62 6.54 21.16 -10.47
C ALA A 62 6.59 22.68 -10.64
N GLN A 63 6.37 23.38 -9.55
CA GLN A 63 6.52 24.83 -9.64
C GLN A 63 7.90 25.25 -9.16
N ASP A 64 8.54 26.10 -9.96
CA ASP A 64 9.85 26.65 -9.67
C ASP A 64 9.63 27.82 -8.71
N ASP A 65 10.05 27.68 -7.46
CA ASP A 65 9.69 28.71 -6.50
C ASP A 65 10.63 29.92 -6.52
N ALA A 66 11.55 29.98 -7.48
CA ALA A 66 12.23 31.26 -7.75
C ALA A 66 11.38 32.21 -8.60
N ASN A 67 10.67 31.66 -9.59
CA ASN A 67 9.90 32.50 -10.51
C ASN A 67 8.46 32.14 -10.64
N GLY A 68 7.96 31.31 -9.73
CA GLY A 68 6.55 30.88 -9.75
C GLY A 68 6.06 30.03 -10.95
N GLN A 69 6.93 29.76 -11.92
CA GLN A 69 6.49 29.12 -13.17
CA GLN A 69 6.51 29.11 -13.17
C GLN A 69 6.36 27.59 -12.99
N TRP A 70 5.27 27.04 -13.50
CA TRP A 70 5.15 25.55 -13.53
C TRP A 70 5.81 25.09 -14.76
N ASN A 71 6.22 23.79 -14.75
CA ASN A 71 6.79 23.18 -15.93
C ASN A 71 6.12 21.88 -16.19
N GLY A 72 6.64 21.15 -17.18
CA GLY A 72 6.19 19.76 -17.49
C GLY A 72 4.83 19.69 -18.14
N MET A 73 4.19 18.53 -18.00
CA MET A 73 2.86 18.33 -18.52
C MET A 73 1.84 19.26 -17.91
N VAL A 74 2.01 19.53 -16.62
CA VAL A 74 1.15 20.51 -15.92
C VAL A 74 1.14 21.89 -16.62
N ARG A 75 2.32 22.40 -16.91
CA ARG A 75 2.42 23.68 -17.62
C ARG A 75 1.87 23.62 -19.03
N GLU A 76 2.03 22.49 -19.73
CA GLU A 76 1.45 22.37 -21.07
C GLU A 76 -0.07 22.51 -21.03
N LEU A 77 -0.68 21.95 -19.98
CA LEU A 77 -2.14 22.05 -19.81
C LEU A 77 -2.52 23.50 -19.49
N ILE A 78 -1.78 24.12 -18.58
CA ILE A 78 -2.01 25.52 -18.21
C ILE A 78 -2.00 26.43 -19.45
N ASP A 79 -1.03 26.22 -20.32
CA ASP A 79 -0.76 27.02 -21.54
C ASP A 79 -1.63 26.57 -22.73
N HIS A 80 -2.54 25.62 -22.48
CA HIS A 80 -3.40 25.07 -23.53
C HIS A 80 -2.63 24.56 -24.73
N LYS A 81 -1.46 23.95 -24.48
CA LYS A 81 -0.67 23.29 -25.51
CA LYS A 81 -0.73 23.31 -25.55
C LYS A 81 -1.17 21.86 -25.69
N ALA A 82 -1.98 21.40 -24.74
CA ALA A 82 -2.56 20.06 -24.80
C ALA A 82 -3.98 20.10 -24.25
N ASP A 83 -4.85 19.26 -24.78
CA ASP A 83 -6.22 19.17 -24.26
C ASP A 83 -6.29 18.23 -23.06
N LEU A 84 -5.50 17.15 -23.11
CA LEU A 84 -5.45 16.16 -22.00
C LEU A 84 -4.01 15.82 -21.70
N ALA A 85 -3.75 15.37 -20.47
CA ALA A 85 -2.46 14.71 -20.13
C ALA A 85 -2.81 13.30 -19.67
N VAL A 86 -2.33 12.32 -20.39
CA VAL A 86 -2.59 10.91 -20.06
C VAL A 86 -1.26 10.22 -19.79
N ALA A 87 -1.00 9.91 -18.51
CA ALA A 87 0.37 9.53 -18.08
C ALA A 87 0.20 9.05 -16.64
N PRO A 88 1.28 8.53 -16.04
CA PRO A 88 1.23 8.21 -14.58
C PRO A 88 1.40 9.51 -13.82
N LEU A 89 0.36 10.32 -13.88
CA LEU A 89 0.35 11.69 -13.36
C LEU A 89 -0.40 11.75 -12.05
N ALA A 90 0.34 11.97 -10.97
CA ALA A 90 -0.23 11.98 -9.65
C ALA A 90 -1.16 13.15 -9.45
N ILE A 91 -2.32 12.84 -8.86
CA ILE A 91 -3.27 13.86 -8.46
C ILE A 91 -2.78 14.43 -7.16
N THR A 92 -2.49 15.74 -7.13
CA THR A 92 -1.98 16.36 -5.92
C THR A 92 -2.66 17.71 -5.65
N TYR A 93 -2.72 18.04 -4.36
CA TYR A 93 -3.32 19.31 -3.96
C TYR A 93 -2.70 20.50 -4.68
N VAL A 94 -1.37 20.57 -4.75
CA VAL A 94 -0.75 21.74 -5.40
C VAL A 94 -1.06 21.81 -6.90
N ARG A 95 -1.12 20.66 -7.58
CA ARG A 95 -1.50 20.65 -8.99
C ARG A 95 -2.99 20.99 -9.16
N GLU A 96 -3.83 20.56 -8.21
CA GLU A 96 -5.26 20.84 -8.32
C GLU A 96 -5.58 22.32 -8.35
N LYS A 97 -4.67 23.16 -7.81
CA LYS A 97 -4.85 24.62 -7.85
C LYS A 97 -4.68 25.23 -9.25
N VAL A 98 -4.03 24.52 -10.19
CA VAL A 98 -3.73 25.08 -11.48
C VAL A 98 -4.27 24.26 -12.68
N ILE A 99 -4.55 22.97 -12.46
CA ILE A 99 -5.19 22.14 -13.48
C ILE A 99 -6.31 21.32 -12.82
N ASP A 100 -7.09 20.62 -13.63
CA ASP A 100 -8.13 19.73 -13.12
C ASP A 100 -7.72 18.28 -13.38
N PHE A 101 -8.20 17.38 -12.55
CA PHE A 101 -7.99 15.93 -12.81
C PHE A 101 -9.31 15.17 -12.84
N SER A 102 -9.33 14.07 -13.62
CA SER A 102 -10.39 13.10 -13.54
C SER A 102 -10.28 12.37 -12.19
N LYS A 103 -11.30 11.58 -11.84
CA LYS A 103 -11.13 10.62 -10.78
C LYS A 103 -9.95 9.70 -11.09
N PRO A 104 -9.36 9.09 -10.05
CA PRO A 104 -8.16 8.28 -10.32
C PRO A 104 -8.45 7.00 -11.09
N PHE A 105 -7.51 6.59 -11.92
CA PHE A 105 -7.60 5.29 -12.60
C PHE A 105 -6.70 4.23 -11.98
N MET A 106 -5.90 4.67 -11.01
CA MET A 106 -4.98 3.76 -10.31
C MET A 106 -4.60 4.38 -8.98
N THR A 107 -4.41 3.55 -7.92
CA THR A 107 -4.01 4.11 -6.64
C THR A 107 -2.62 3.59 -6.28
N LEU A 108 -1.92 4.33 -5.46
CA LEU A 108 -0.48 4.05 -5.24
C LEU A 108 0.00 4.85 -4.05
N GLY A 109 1.28 4.66 -3.69
CA GLY A 109 1.89 5.56 -2.73
C GLY A 109 3.40 5.59 -2.96
N ILE A 110 4.01 6.60 -2.43
CA ILE A 110 5.49 6.70 -2.48
C ILE A 110 6.07 5.60 -1.58
N SER A 111 7.20 5.04 -2.00
CA SER A 111 7.96 4.12 -1.14
C SER A 111 9.43 4.19 -1.52
N ILE A 112 10.21 3.19 -1.10
CA ILE A 112 11.67 3.21 -1.26
C ILE A 112 12.09 1.99 -2.04
N LEU A 113 12.94 2.22 -3.04
CA LEU A 113 13.56 1.13 -3.78
C LEU A 113 15.03 1.07 -3.37
N TYR A 114 15.50 -0.12 -3.02
CA TYR A 114 16.89 -0.26 -2.55
C TYR A 114 17.33 -1.66 -2.95
N ARG A 115 18.62 -1.99 -2.79
CA ARG A 115 19.04 -3.35 -3.08
C ARG A 115 18.57 -4.30 -1.94
N LYS A 116 18.42 -5.58 -2.26
CA LYS A 116 18.14 -6.65 -1.27
C LYS A 116 19.38 -6.95 -0.41
N GLY A 117 19.15 -7.61 0.73
CA GLY A 117 20.23 -8.01 1.61
C GLY A 117 20.90 -6.92 2.45
N THR A 118 20.14 -5.89 2.83
CA THR A 118 20.69 -4.83 3.70
C THR A 118 19.86 -4.62 4.97
N PRO A 119 20.41 -3.89 5.94
CA PRO A 119 19.73 -3.63 7.20
C PRO A 119 18.82 -2.40 7.20
N ILE A 120 18.66 -1.77 6.03
CA ILE A 120 17.79 -0.62 5.94
C ILE A 120 16.32 -1.09 5.79
N ASP A 121 15.44 -0.52 6.60
CA ASP A 121 14.08 -1.06 6.76
C ASP A 121 12.97 -0.06 6.64
N SER A 122 13.30 1.22 6.59
CA SER A 122 12.31 2.26 6.68
C SER A 122 12.92 3.59 6.22
N ALA A 123 12.05 4.56 5.92
CA ALA A 123 12.53 5.91 5.67
C ALA A 123 13.35 6.40 6.85
N ASP A 124 12.93 6.01 8.04
CA ASP A 124 13.66 6.43 9.23
C ASP A 124 15.09 5.96 9.22
N ASP A 125 15.35 4.74 8.75
CA ASP A 125 16.70 4.22 8.68
C ASP A 125 17.53 5.05 7.70
N LEU A 126 16.88 5.53 6.62
CA LEU A 126 17.59 6.41 5.71
C LEU A 126 17.83 7.79 6.27
N ALA A 127 16.83 8.35 6.93
CA ALA A 127 16.87 9.73 7.39
C ALA A 127 17.87 9.98 8.52
N LYS A 128 18.08 8.97 9.37
CA LYS A 128 18.94 9.11 10.57
C LYS A 128 20.42 8.90 10.29
N GLN A 129 20.80 8.84 8.99
CA GLN A 129 22.17 8.62 8.58
C GLN A 129 22.51 9.49 7.37
N THR A 130 23.80 9.65 7.09
CA THR A 130 24.21 10.51 5.98
C THR A 130 25.18 9.81 5.03
N LYS A 131 25.45 8.53 5.23
CA LYS A 131 26.37 7.81 4.36
C LYS A 131 25.71 7.36 3.06
N ILE A 132 24.62 6.59 3.18
CA ILE A 132 23.78 6.17 2.05
C ILE A 132 22.98 7.35 1.48
N GLU A 133 23.18 7.65 0.21
CA GLU A 133 22.47 8.76 -0.37
C GLU A 133 21.09 8.26 -0.84
N TYR A 134 20.19 9.20 -1.00
CA TYR A 134 18.86 8.88 -1.47
C TYR A 134 18.27 10.11 -2.17
N GLY A 135 17.27 9.90 -3.03
CA GLY A 135 16.73 11.00 -3.80
C GLY A 135 15.56 10.55 -4.65
N ALA A 136 15.20 11.38 -5.61
CA ALA A 136 13.99 11.19 -6.43
C ALA A 136 14.22 11.83 -7.80
N VAL A 137 13.27 11.61 -8.70
CA VAL A 137 13.28 12.32 -10.01
C VAL A 137 12.98 13.80 -9.82
N GLU A 138 13.81 14.67 -10.44
CA GLU A 138 13.59 16.10 -10.28
C GLU A 138 12.29 16.53 -10.91
N ASP A 139 11.58 17.44 -10.25
CA ASP A 139 10.34 18.05 -10.80
C ASP A 139 9.14 17.09 -10.88
N GLY A 140 9.18 16.02 -10.09
CA GLY A 140 8.07 15.04 -10.02
C GLY A 140 7.34 15.21 -8.73
N ALA A 141 6.21 14.53 -8.60
CA ALA A 141 5.40 14.61 -7.39
C ALA A 141 6.07 14.00 -6.16
N THR A 142 6.96 13.01 -6.35
CA THR A 142 7.65 12.39 -5.19
C THR A 142 8.63 13.41 -4.56
N MET A 143 9.44 14.08 -5.39
CA MET A 143 10.30 15.16 -4.91
C MET A 143 9.48 16.23 -4.21
N THR A 144 8.35 16.62 -4.82
CA THR A 144 7.50 17.68 -4.29
C THR A 144 6.88 17.29 -2.93
N PHE A 145 6.49 16.03 -2.80
CA PHE A 145 6.02 15.54 -1.47
C PHE A 145 7.04 15.79 -0.36
N PHE A 146 8.30 15.46 -0.64
CA PHE A 146 9.36 15.71 0.38
C PHE A 146 9.58 17.19 0.61
N LYS A 147 9.58 17.96 -0.48
CA LYS A 147 9.76 19.42 -0.40
C LYS A 147 8.66 20.10 0.43
N LYS A 148 7.45 19.55 0.41
CA LYS A 148 6.32 20.19 1.12
C LYS A 148 6.05 19.62 2.51
N SER A 149 6.69 18.51 2.87
CA SER A 149 6.29 17.76 4.06
C SER A 149 6.62 18.49 5.33
N LYS A 150 5.68 18.46 6.28
CA LYS A 150 5.90 19.01 7.62
C LYS A 150 6.21 17.88 8.61
N ILE A 151 6.17 16.65 8.13
CA ILE A 151 6.54 15.48 8.95
C ILE A 151 8.06 15.42 9.16
N SER A 152 8.51 15.30 10.41
CA SER A 152 9.94 15.49 10.67
C SER A 152 10.87 14.52 9.91
N THR A 153 10.55 13.24 9.86
CA THR A 153 11.41 12.33 9.09
C THR A 153 11.57 12.84 7.64
N TYR A 154 10.47 13.27 7.04
CA TYR A 154 10.48 13.65 5.60
C TYR A 154 11.06 15.08 5.39
N ASP A 155 10.80 15.99 6.33
CA ASP A 155 11.44 17.31 6.34
C ASP A 155 12.98 17.16 6.43
N LYS A 156 13.44 16.29 7.34
CA LYS A 156 14.88 15.99 7.42
C LYS A 156 15.43 15.39 6.11
N MET A 157 14.70 14.43 5.55
CA MET A 157 15.12 13.87 4.28
C MET A 157 15.20 14.94 3.19
N TRP A 158 14.23 15.86 3.16
CA TRP A 158 14.25 16.90 2.14
C TRP A 158 15.47 17.83 2.31
N ALA A 159 15.76 18.19 3.56
CA ALA A 159 16.96 19.00 3.84
C ALA A 159 18.18 18.31 3.27
N PHE A 160 18.27 17.00 3.44
CA PHE A 160 19.40 16.22 2.90
C PHE A 160 19.41 16.30 1.38
N MET A 161 18.32 15.85 0.75
CA MET A 161 18.23 15.88 -0.70
C MET A 161 18.54 17.26 -1.30
N SER A 162 17.95 18.30 -0.72
CA SER A 162 18.11 19.65 -1.23
C SER A 162 19.57 20.12 -1.09
N SER A 163 20.24 19.74 -0.01
CA SER A 163 21.66 20.14 0.19
C SER A 163 22.61 19.45 -0.81
N ARG A 164 22.14 18.37 -1.42
CA ARG A 164 22.93 17.58 -2.37
C ARG A 164 22.17 17.41 -3.67
N ARG A 165 21.41 18.43 -4.06
CA ARG A 165 20.40 18.26 -5.12
C ARG A 165 20.97 17.74 -6.45
N GLN A 166 22.11 18.30 -6.88
CA GLN A 166 22.65 17.92 -8.16
C GLN A 166 23.19 16.47 -8.14
N SER A 167 23.57 16.00 -6.95
CA SER A 167 24.20 14.67 -6.82
C SER A 167 23.14 13.58 -6.59
N VAL A 168 22.01 13.95 -5.97
CA VAL A 168 21.01 12.93 -5.54
C VAL A 168 19.66 12.97 -6.23
N LEU A 169 19.29 14.08 -6.84
CA LEU A 169 18.08 14.04 -7.65
C LEU A 169 18.50 13.53 -9.02
N VAL A 170 17.67 12.70 -9.65
CA VAL A 170 18.00 12.13 -10.95
C VAL A 170 16.99 12.66 -11.99
N LYS A 171 17.26 12.44 -13.28
CA LYS A 171 16.39 13.01 -14.32
C LYS A 171 15.34 12.03 -14.82
N SER A 172 15.43 10.79 -14.36
CA SER A 172 14.52 9.74 -14.81
C SER A 172 14.46 8.54 -13.88
N ASN A 173 13.38 7.80 -14.01
CA ASN A 173 13.23 6.48 -13.35
C ASN A 173 14.44 5.58 -13.65
N GLU A 174 14.84 5.48 -14.93
CA GLU A 174 15.97 4.61 -15.30
C GLU A 174 17.26 5.04 -14.60
N GLU A 175 17.51 6.35 -14.57
CA GLU A 175 18.71 6.83 -13.89
C GLU A 175 18.70 6.43 -12.40
N GLY A 176 17.54 6.57 -11.76
CA GLY A 176 17.38 6.23 -10.32
C GLY A 176 17.66 4.76 -10.08
N ILE A 177 17.08 3.92 -10.92
CA ILE A 177 17.23 2.46 -10.82
C ILE A 177 18.68 2.07 -11.05
N GLN A 178 19.30 2.63 -12.08
CA GLN A 178 20.72 2.35 -12.32
C GLN A 178 21.59 2.76 -11.15
N ARG A 179 21.30 3.88 -10.48
CA ARG A 179 22.10 4.27 -9.34
C ARG A 179 21.94 3.23 -8.23
N VAL A 180 20.72 2.73 -8.03
CA VAL A 180 20.49 1.70 -7.02
CA VAL A 180 20.52 1.71 -7.00
C VAL A 180 21.27 0.41 -7.33
N LEU A 181 21.29 0.04 -8.60
CA LEU A 181 21.95 -1.17 -9.03
C LEU A 181 23.49 -1.11 -8.92
N THR A 182 24.04 0.11 -8.87
CA THR A 182 25.50 0.32 -9.02
C THR A 182 26.20 1.03 -7.86
N SER A 183 25.52 1.92 -7.13
CA SER A 183 26.08 2.69 -5.99
C SER A 183 25.33 2.53 -4.63
N ASP A 184 25.75 3.27 -3.60
CA ASP A 184 25.07 3.15 -2.29
C ASP A 184 23.91 4.15 -2.25
N TYR A 185 22.85 3.82 -3.01
CA TYR A 185 21.77 4.77 -3.24
C TYR A 185 20.38 4.14 -3.07
N ALA A 186 19.50 4.86 -2.39
CA ALA A 186 18.06 4.48 -2.27
C ALA A 186 17.22 5.46 -3.08
N PHE A 187 16.27 4.92 -3.84
CA PHE A 187 15.49 5.78 -4.80
C PHE A 187 14.01 5.85 -4.36
N LEU A 188 13.53 7.07 -4.09
CA LEU A 188 12.14 7.30 -3.65
C LEU A 188 11.27 7.39 -4.89
N MET A 189 10.27 6.51 -4.96
CA MET A 189 9.49 6.37 -6.18
C MET A 189 8.15 5.77 -5.85
N GLU A 190 7.30 5.65 -6.86
CA GLU A 190 5.89 5.24 -6.59
C GLU A 190 5.70 3.75 -6.60
N SER A 191 4.80 3.24 -5.74
CA SER A 191 4.66 1.80 -5.50
C SER A 191 4.29 1.02 -6.77
N THR A 192 3.44 1.61 -7.63
CA THR A 192 3.06 0.95 -8.86
C THR A 192 4.28 0.67 -9.74
N THR A 193 5.17 1.64 -9.82
CA THR A 193 6.35 1.50 -10.62
C THR A 193 7.36 0.56 -9.94
N ILE A 194 7.38 0.61 -8.61
CA ILE A 194 8.25 -0.35 -7.85
C ILE A 194 7.82 -1.75 -8.17
N GLU A 195 6.51 -2.03 -8.19
CA GLU A 195 6.06 -3.39 -8.51
CA GLU A 195 6.06 -3.40 -8.52
C GLU A 195 6.64 -3.87 -9.85
N PHE A 196 6.56 -3.00 -10.86
CA PHE A 196 7.10 -3.37 -12.17
C PHE A 196 8.63 -3.62 -12.14
N VAL A 197 9.34 -2.74 -11.49
CA VAL A 197 10.82 -2.83 -11.46
C VAL A 197 11.36 -4.04 -10.68
N THR A 198 10.73 -4.34 -9.56
CA THR A 198 11.23 -5.42 -8.70
C THR A 198 10.95 -6.78 -9.33
N GLN A 199 9.92 -6.85 -10.17
CA GLN A 199 9.65 -8.13 -10.85
C GLN A 199 10.64 -8.41 -11.99
N ARG A 200 11.40 -7.40 -12.38
CA ARG A 200 12.34 -7.54 -13.49
C ARG A 200 13.80 -7.34 -13.11
N ASN A 201 14.02 -6.88 -11.87
CA ASN A 201 15.35 -6.78 -11.30
C ASN A 201 15.34 -7.51 -9.95
N CYS A 202 15.73 -8.78 -9.97
CA CYS A 202 15.53 -9.66 -8.80
C CYS A 202 16.43 -9.31 -7.61
N ASN A 203 17.40 -8.43 -7.85
CA ASN A 203 18.26 -7.91 -6.79
C ASN A 203 17.71 -6.66 -6.08
N LEU A 204 16.56 -6.15 -6.54
CA LEU A 204 15.98 -4.94 -5.94
C LEU A 204 14.73 -5.29 -5.10
N THR A 205 14.43 -4.40 -4.16
CA THR A 205 13.27 -4.60 -3.31
C THR A 205 12.67 -3.28 -2.84
N GLN A 206 11.38 -3.29 -2.52
CA GLN A 206 10.81 -2.16 -1.77
C GLN A 206 11.30 -2.21 -0.31
N ILE A 207 11.53 -1.04 0.25
CA ILE A 207 11.89 -0.93 1.64
C ILE A 207 10.78 -0.26 2.39
N GLY A 208 10.28 -0.96 3.41
CA GLY A 208 9.17 -0.45 4.18
C GLY A 208 7.87 -0.39 3.39
N GLY A 209 6.93 0.37 3.92
CA GLY A 209 5.53 0.44 3.38
C GLY A 209 5.37 1.72 2.59
N LEU A 210 4.12 2.15 2.46
CA LEU A 210 3.81 3.33 1.67
C LEU A 210 3.91 4.55 2.54
N ILE A 211 4.53 5.56 1.99
CA ILE A 211 4.80 6.79 2.72
C ILE A 211 3.64 7.78 2.62
N ASP A 212 2.88 7.69 1.52
CA ASP A 212 1.62 8.45 1.39
C ASP A 212 0.63 7.62 0.60
N SER A 213 -0.54 8.21 0.30
CA SER A 213 -1.51 7.53 -0.53
C SER A 213 -2.01 8.55 -1.56
N LYS A 214 -2.04 8.16 -2.81
CA LYS A 214 -2.50 9.07 -3.86
C LYS A 214 -3.04 8.27 -5.05
N GLY A 215 -3.47 8.96 -6.10
CA GLY A 215 -3.85 8.24 -7.32
C GLY A 215 -3.28 8.90 -8.56
N TYR A 216 -3.25 8.18 -9.68
CA TYR A 216 -3.02 8.80 -10.98
C TYR A 216 -4.36 9.24 -11.60
N GLY A 217 -4.37 10.41 -12.23
CA GLY A 217 -5.60 10.83 -12.92
C GLY A 217 -5.26 11.40 -14.28
N VAL A 218 -6.27 11.56 -15.13
CA VAL A 218 -6.06 12.30 -16.40
C VAL A 218 -6.14 13.78 -16.06
N GLY A 219 -5.14 14.56 -16.55
CA GLY A 219 -5.10 16.00 -16.36
C GLY A 219 -5.77 16.74 -17.51
N THR A 220 -6.42 17.85 -17.16
CA THR A 220 -7.03 18.75 -18.17
C THR A 220 -6.74 20.19 -17.78
N PRO A 221 -6.84 21.12 -18.78
CA PRO A 221 -6.76 22.49 -18.33
C PRO A 221 -7.91 22.78 -17.37
N MET A 222 -7.71 23.72 -16.46
CA MET A 222 -8.73 24.01 -15.48
C MET A 222 -9.99 24.47 -16.20
N GLY A 223 -11.13 23.93 -15.77
CA GLY A 223 -12.42 24.28 -16.35
C GLY A 223 -12.78 23.53 -17.63
N SER A 224 -11.92 22.63 -18.05
CA SER A 224 -12.20 21.84 -19.26
C SER A 224 -13.49 21.03 -19.15
N PRO A 225 -14.33 21.10 -20.19
CA PRO A 225 -15.56 20.31 -20.17
C PRO A 225 -15.25 18.82 -20.33
N TYR A 226 -14.00 18.47 -20.71
CA TYR A 226 -13.63 17.06 -20.82
C TYR A 226 -13.41 16.33 -19.50
N ARG A 227 -13.11 17.06 -18.44
CA ARG A 227 -12.73 16.38 -17.17
C ARG A 227 -13.83 15.46 -16.66
N ASP A 228 -15.06 15.96 -16.61
CA ASP A 228 -16.17 15.18 -16.03
C ASP A 228 -16.51 14.01 -16.94
N LYS A 229 -16.38 14.21 -18.26
CA LYS A 229 -16.61 13.14 -19.21
C LYS A 229 -15.58 12.03 -19.08
N ILE A 230 -14.31 12.42 -18.90
CA ILE A 230 -13.23 11.48 -18.68
C ILE A 230 -13.49 10.66 -17.40
N THR A 231 -13.95 11.33 -16.34
CA THR A 231 -14.28 10.60 -15.08
C THR A 231 -15.37 9.56 -15.30
N ILE A 232 -16.37 9.91 -16.11
CA ILE A 232 -17.44 8.96 -16.38
C ILE A 232 -16.87 7.73 -17.12
N ALA A 233 -15.98 7.95 -18.08
CA ALA A 233 -15.38 6.84 -18.82
C ALA A 233 -14.50 5.97 -17.91
N ILE A 234 -13.74 6.61 -17.04
CA ILE A 234 -12.81 5.88 -16.14
C ILE A 234 -13.64 5.01 -15.17
N LEU A 235 -14.73 5.56 -14.63
CA LEU A 235 -15.58 4.82 -13.68
CA LEU A 235 -15.55 4.79 -13.68
C LEU A 235 -16.21 3.60 -14.35
N GLN A 236 -16.58 3.75 -15.64
CA GLN A 236 -17.11 2.63 -16.38
C GLN A 236 -16.06 1.53 -16.65
N LEU A 237 -14.84 1.93 -17.04
CA LEU A 237 -13.75 0.96 -17.22
C LEU A 237 -13.39 0.23 -15.91
N GLN A 238 -13.50 0.94 -14.82
CA GLN A 238 -13.21 0.38 -13.47
C GLN A 238 -14.27 -0.66 -13.08
N GLU A 239 -15.53 -0.29 -13.27
CA GLU A 239 -16.62 -1.12 -12.83
C GLU A 239 -16.63 -2.41 -13.64
N GLU A 240 -16.34 -2.30 -14.93
CA GLU A 240 -16.40 -3.47 -15.79
C GLU A 240 -15.17 -4.37 -15.69
N GLY A 241 -14.15 -3.93 -14.95
CA GLY A 241 -12.97 -4.79 -14.75
C GLY A 241 -11.86 -4.55 -15.77
N LYS A 242 -12.08 -3.60 -16.65
CA LYS A 242 -11.13 -3.30 -17.73
C LYS A 242 -9.80 -2.74 -17.23
N LEU A 243 -9.87 -1.79 -16.28
CA LEU A 243 -8.65 -1.27 -15.67
C LEU A 243 -7.81 -2.37 -15.04
N HIS A 244 -8.46 -3.31 -14.35
CA HIS A 244 -7.72 -4.37 -13.68
C HIS A 244 -7.07 -5.25 -14.74
N MET A 245 -7.79 -5.50 -15.84
CA MET A 245 -7.25 -6.32 -16.94
C MET A 245 -6.03 -5.64 -17.61
N MET A 246 -6.11 -4.33 -17.77
CA MET A 246 -5.01 -3.56 -18.37
C MET A 246 -3.77 -3.59 -17.48
N LYS A 247 -3.97 -3.51 -16.17
CA LYS A 247 -2.85 -3.55 -15.20
C LYS A 247 -2.21 -4.93 -15.30
N GLU A 248 -3.02 -5.98 -15.30
CA GLU A 248 -2.45 -7.35 -15.49
C GLU A 248 -1.65 -7.48 -16.76
N LYS A 249 -2.17 -6.92 -17.85
CA LYS A 249 -1.54 -7.08 -19.18
C LYS A 249 -0.13 -6.49 -19.13
N TRP A 250 -0.02 -5.31 -18.53
CA TRP A 250 1.23 -4.52 -18.59
C TRP A 250 2.18 -4.77 -17.44
N TRP A 251 1.69 -5.36 -16.34
CA TRP A 251 2.60 -5.65 -15.22
C TRP A 251 3.01 -7.12 -15.19
N ARG A 252 2.24 -7.98 -15.84
CA ARG A 252 2.61 -9.41 -15.81
C ARG A 252 3.63 -9.72 -16.89
N ASN B 2 14.84 -21.12 33.47
CA ASN B 2 13.83 -20.58 32.52
C ASN B 2 13.09 -21.74 31.82
N ARG B 3 11.77 -21.64 31.76
CA ARG B 3 10.88 -22.67 31.22
C ARG B 3 10.60 -22.36 29.74
N SER B 4 9.69 -23.09 29.12
CA SER B 4 9.27 -22.75 27.76
CA SER B 4 9.25 -22.76 27.76
C SER B 4 8.46 -21.46 27.78
N LEU B 5 8.55 -20.69 26.69
CA LEU B 5 7.75 -19.48 26.59
C LEU B 5 6.30 -19.83 26.22
N ILE B 6 5.38 -19.01 26.69
CA ILE B 6 3.99 -19.15 26.29
CA ILE B 6 3.98 -19.11 26.34
C ILE B 6 3.69 -18.06 25.26
N VAL B 7 3.31 -18.51 24.08
CA VAL B 7 3.10 -17.57 22.96
C VAL B 7 1.61 -17.53 22.65
N THR B 8 0.99 -16.38 22.84
CA THR B 8 -0.43 -16.22 22.50
C THR B 8 -0.59 -15.81 21.03
N THR B 9 -1.64 -16.31 20.40
CA THR B 9 -1.92 -16.06 18.99
C THR B 9 -3.40 -16.19 18.76
N ILE B 10 -3.80 -16.03 17.52
CA ILE B 10 -5.24 -16.12 17.15
C ILE B 10 -5.38 -16.76 15.76
N LEU B 11 -6.46 -17.49 15.53
CA LEU B 11 -6.64 -18.15 14.26
C LEU B 11 -6.95 -17.11 13.18
N GLU B 12 -6.09 -17.05 12.14
CA GLU B 12 -6.37 -16.08 11.06
C GLU B 12 -5.60 -16.52 9.85
N GLU B 13 -6.29 -17.01 8.83
CA GLU B 13 -5.59 -17.53 7.66
CA GLU B 13 -5.63 -17.53 7.64
C GLU B 13 -5.01 -16.38 6.84
N PRO B 14 -3.78 -16.55 6.30
CA PRO B 14 -2.90 -17.69 6.34
C PRO B 14 -1.76 -17.52 7.37
N TYR B 15 -2.00 -16.66 8.37
CA TYR B 15 -1.00 -16.39 9.41
C TYR B 15 -0.95 -17.55 10.42
N VAL B 16 -2.13 -17.96 10.88
CA VAL B 16 -2.25 -19.02 11.88
C VAL B 16 -3.47 -19.87 11.57
N LEU B 17 -3.24 -21.17 11.37
CA LEU B 17 -4.27 -22.17 11.15
C LEU B 17 -3.99 -23.45 11.94
N PHE B 18 -5.04 -24.24 12.17
CA PHE B 18 -4.84 -25.67 12.51
C PHE B 18 -4.28 -26.48 11.37
N LYS B 19 -3.17 -27.19 11.61
CA LYS B 19 -2.59 -28.08 10.60
C LYS B 19 -3.48 -29.27 10.39
N LYS B 20 -3.78 -29.58 9.14
CA LYS B 20 -4.59 -30.77 8.82
C LYS B 20 -3.70 -31.92 8.38
N SER B 21 -3.92 -33.08 8.99
CA SER B 21 -3.19 -34.29 8.63
C SER B 21 -4.09 -35.51 8.90
N ASP B 22 -3.79 -36.63 8.26
CA ASP B 22 -4.48 -37.89 8.57
C ASP B 22 -3.75 -38.71 9.64
N LYS B 23 -2.71 -38.11 10.22
CA LYS B 23 -2.01 -38.69 11.38
C LYS B 23 -2.12 -37.70 12.57
N PRO B 24 -2.06 -38.22 13.81
CA PRO B 24 -2.21 -37.37 15.01
C PRO B 24 -1.08 -36.36 15.15
N LEU B 25 -1.42 -35.13 15.55
CA LEU B 25 -0.45 -34.05 15.64
C LEU B 25 -0.30 -33.63 17.08
N TYR B 26 0.92 -33.32 17.49
CA TYR B 26 1.19 -32.95 18.88
C TYR B 26 1.88 -31.62 19.07
N GLY B 27 1.61 -30.96 20.19
CA GLY B 27 2.35 -29.76 20.54
C GLY B 27 2.34 -28.71 19.45
N ASN B 28 3.50 -28.15 19.12
CA ASN B 28 3.52 -26.99 18.21
C ASN B 28 3.19 -27.41 16.79
N ASP B 29 3.29 -28.72 16.52
CA ASP B 29 2.96 -29.26 15.20
C ASP B 29 1.48 -29.16 14.84
N ARG B 30 0.63 -28.88 15.82
CA ARG B 30 -0.81 -28.74 15.60
C ARG B 30 -1.18 -27.48 14.83
N PHE B 31 -0.23 -26.55 14.73
CA PHE B 31 -0.51 -25.29 14.08
C PHE B 31 0.40 -25.11 12.88
N GLU B 32 -0.05 -24.31 11.92
CA GLU B 32 0.78 -23.88 10.79
C GLU B 32 0.44 -22.46 10.33
N GLY B 33 1.27 -21.89 9.46
CA GLY B 33 0.93 -20.58 8.90
C GLY B 33 2.14 -19.67 8.90
N TYR B 34 2.02 -18.51 8.27
CA TYR B 34 3.15 -17.59 8.17
C TYR B 34 3.71 -17.27 9.57
N CYS B 35 2.83 -16.96 10.50
CA CYS B 35 3.24 -16.52 11.84
C CYS B 35 3.79 -17.67 12.65
N ILE B 36 3.36 -18.89 12.31
CA ILE B 36 3.84 -20.13 12.98
C ILE B 36 5.27 -20.46 12.50
N ASP B 37 5.53 -20.27 11.20
CA ASP B 37 6.89 -20.35 10.64
C ASP B 37 7.78 -19.24 11.24
N LEU B 38 7.28 -18.02 11.34
CA LEU B 38 8.08 -16.92 11.91
C LEU B 38 8.49 -17.31 13.34
N LEU B 39 7.51 -17.75 14.13
CA LEU B 39 7.79 -18.14 15.53
C LEU B 39 8.83 -19.22 15.64
N ARG B 40 8.76 -20.23 14.78
CA ARG B 40 9.74 -21.25 14.85
C ARG B 40 11.15 -20.69 14.56
N GLU B 41 11.25 -19.83 13.55
CA GLU B 41 12.57 -19.22 13.26
C GLU B 41 13.06 -18.39 14.43
N LEU B 42 12.16 -17.64 15.06
CA LEU B 42 12.56 -16.86 16.21
C LEU B 42 13.10 -17.77 17.30
N SER B 43 12.42 -18.90 17.51
CA SER B 43 12.83 -19.87 18.54
C SER B 43 14.22 -20.47 18.32
N THR B 44 14.59 -20.74 17.06
CA THR B 44 15.89 -21.38 16.87
C THR B 44 17.01 -20.35 16.89
N ILE B 45 16.73 -19.15 16.36
CA ILE B 45 17.72 -18.06 16.34
C ILE B 45 18.08 -17.62 17.76
N LEU B 46 17.07 -17.52 18.62
CA LEU B 46 17.23 -16.95 19.94
C LEU B 46 17.33 -18.01 21.06
N GLY B 47 17.13 -19.28 20.73
CA GLY B 47 17.41 -20.33 21.73
C GLY B 47 16.31 -20.51 22.75
N PHE B 48 15.05 -20.45 22.33
CA PHE B 48 13.96 -20.69 23.25
C PHE B 48 13.04 -21.83 22.82
N THR B 49 12.38 -22.45 23.78
CA THR B 49 11.32 -23.41 23.52
C THR B 49 10.00 -22.70 23.86
N TYR B 50 8.90 -23.18 23.31
CA TYR B 50 7.64 -22.46 23.53
C TYR B 50 6.46 -23.40 23.41
N GLU B 51 5.32 -22.89 23.84
CA GLU B 51 4.01 -23.52 23.68
C GLU B 51 3.07 -22.49 23.11
N ILE B 52 2.20 -22.91 22.21
CA ILE B 52 1.23 -22.02 21.56
C ILE B 52 -0.12 -22.05 22.27
N ARG B 53 -0.61 -20.88 22.67
CA ARG B 53 -1.98 -20.77 23.22
C ARG B 53 -2.80 -19.87 22.31
N LEU B 54 -4.07 -20.21 22.13
CA LEU B 54 -5.02 -19.35 21.43
C LEU B 54 -5.61 -18.39 22.44
N VAL B 55 -5.58 -17.11 22.10
CA VAL B 55 -6.05 -16.07 23.00
C VAL B 55 -7.47 -16.49 23.49
N GLU B 56 -7.66 -16.45 24.81
CA GLU B 56 -8.86 -17.06 25.41
C GLU B 56 -10.15 -16.37 25.04
N ASP B 57 -10.15 -15.04 24.98
CA ASP B 57 -11.35 -14.29 24.68
C ASP B 57 -11.60 -14.13 23.18
N GLY B 58 -10.69 -14.68 22.33
CA GLY B 58 -10.87 -14.61 20.89
C GLY B 58 -10.73 -13.25 20.24
N LYS B 59 -10.08 -12.30 20.94
CA LYS B 59 -9.93 -10.95 20.44
C LYS B 59 -8.49 -10.50 20.21
N TYR B 60 -8.31 -9.59 19.26
CA TYR B 60 -7.00 -8.98 19.05
C TYR B 60 -6.66 -8.06 20.19
N GLY B 61 -7.49 -7.06 20.41
CA GLY B 61 -7.30 -6.20 21.57
C GLY B 61 -7.74 -4.77 21.39
N ALA B 62 -8.67 -4.33 22.23
CA ALA B 62 -9.06 -2.91 22.29
C ALA B 62 -9.36 -2.52 23.71
N GLN B 63 -9.47 -1.22 23.93
CA GLN B 63 -9.76 -0.70 25.27
C GLN B 63 -11.28 -0.56 25.41
N ASP B 64 -11.85 -1.32 26.36
CA ASP B 64 -13.31 -1.45 26.47
C ASP B 64 -13.93 -0.24 27.14
N ASP B 65 -14.98 0.31 26.50
CA ASP B 65 -15.71 1.47 27.01
C ASP B 65 -16.29 1.20 28.41
N ALA B 66 -16.76 -0.05 28.62
CA ALA B 66 -17.44 -0.49 29.85
C ALA B 66 -16.60 -0.28 31.13
N ASN B 67 -15.28 -0.51 31.03
CA ASN B 67 -14.42 -0.37 32.21
C ASN B 67 -13.05 0.31 31.99
N GLY B 68 -12.64 0.46 30.73
CA GLY B 68 -11.35 1.13 30.42
C GLY B 68 -10.17 0.17 30.30
N GLN B 69 -10.46 -1.11 30.44
CA GLN B 69 -9.41 -2.10 30.41
C GLN B 69 -9.23 -2.65 29.00
N TRP B 70 -8.07 -3.21 28.74
CA TRP B 70 -7.84 -3.87 27.48
C TRP B 70 -8.36 -5.28 27.51
N ASN B 71 -8.54 -5.83 26.30
CA ASN B 71 -8.89 -7.22 26.19
C ASN B 71 -7.98 -7.86 25.17
N GLY B 72 -8.30 -9.10 24.81
CA GLY B 72 -7.58 -9.77 23.75
C GLY B 72 -6.12 -10.11 24.04
N MET B 73 -5.34 -10.29 22.97
CA MET B 73 -3.91 -10.64 23.10
C MET B 73 -3.18 -9.53 23.87
N VAL B 74 -3.57 -8.29 23.64
CA VAL B 74 -2.93 -7.15 24.35
C VAL B 74 -3.07 -7.39 25.86
N ARG B 75 -4.29 -7.65 26.30
CA ARG B 75 -4.53 -7.88 27.73
C ARG B 75 -3.85 -9.13 28.25
N GLU B 76 -3.71 -10.18 27.45
CA GLU B 76 -2.96 -11.33 27.93
C GLU B 76 -1.48 -10.99 28.20
N LEU B 77 -0.91 -10.14 27.37
CA LEU B 77 0.47 -9.67 27.60
C LEU B 77 0.54 -8.77 28.83
N ILE B 78 -0.43 -7.90 28.97
CA ILE B 78 -0.46 -6.95 30.12
C ILE B 78 -0.50 -7.76 31.41
N ASP B 79 -1.28 -8.83 31.41
CA ASP B 79 -1.43 -9.67 32.64
C ASP B 79 -0.39 -10.78 32.79
N HIS B 80 0.64 -10.72 31.93
CA HIS B 80 1.71 -11.71 31.94
C HIS B 80 1.20 -13.15 31.81
N LYS B 81 0.11 -13.31 31.05
CA LYS B 81 -0.42 -14.64 30.75
C LYS B 81 0.28 -15.23 29.55
N ALA B 82 1.00 -14.38 28.83
CA ALA B 82 1.80 -14.85 27.70
C ALA B 82 3.12 -14.11 27.70
N ASP B 83 4.16 -14.75 27.17
CA ASP B 83 5.48 -14.11 27.04
C ASP B 83 5.58 -13.31 25.73
N LEU B 84 4.92 -13.80 24.71
CA LEU B 84 4.93 -13.13 23.40
C LEU B 84 3.56 -13.29 22.77
N ALA B 85 3.23 -12.39 21.86
CA ALA B 85 2.04 -12.57 20.99
C ALA B 85 2.59 -12.58 19.57
N VAL B 86 2.44 -13.70 18.83
CA VAL B 86 2.89 -13.74 17.45
C VAL B 86 1.66 -14.00 16.57
N ALA B 87 1.25 -12.97 15.83
CA ALA B 87 -0.03 -12.96 15.12
C ALA B 87 0.06 -11.77 14.18
N PRO B 88 -0.95 -11.60 13.31
CA PRO B 88 -1.06 -10.37 12.47
C PRO B 88 -1.50 -9.24 13.40
N LEU B 89 -0.61 -8.85 14.31
CA LEU B 89 -0.94 -7.90 15.36
C LEU B 89 -0.38 -6.52 15.04
N ALA B 90 -1.28 -5.59 14.71
CA ALA B 90 -0.90 -4.21 14.30
C ALA B 90 -0.19 -3.45 15.42
N ILE B 91 0.96 -2.89 15.05
CA ILE B 91 1.66 -1.98 15.96
C ILE B 91 0.92 -0.67 15.90
N THR B 92 0.41 -0.21 17.05
CA THR B 92 -0.32 1.08 17.12
C THR B 92 0.12 1.90 18.32
N TYR B 93 -0.11 3.21 18.23
CA TYR B 93 0.26 4.13 19.29
C TYR B 93 -0.46 3.84 20.60
N VAL B 94 -1.75 3.54 20.52
CA VAL B 94 -2.50 3.20 21.73
C VAL B 94 -2.00 1.92 22.39
N ARG B 95 -1.71 0.90 21.58
CA ARG B 95 -1.14 -0.36 22.11
C ARG B 95 0.27 -0.17 22.67
N GLU B 96 1.05 0.73 22.07
CA GLU B 96 2.43 0.96 22.58
C GLU B 96 2.48 1.60 23.98
N LYS B 97 1.35 2.17 24.41
CA LYS B 97 1.25 2.75 25.77
C LYS B 97 1.25 1.62 26.82
N VAL B 98 0.83 0.40 26.44
CA VAL B 98 0.60 -0.66 27.43
C VAL B 98 1.37 -1.96 27.19
N ILE B 99 1.83 -2.17 25.96
CA ILE B 99 2.67 -3.34 25.63
C ILE B 99 3.84 -2.87 24.75
N ASP B 100 4.84 -3.73 24.56
CA ASP B 100 5.92 -3.39 23.64
C ASP B 100 5.77 -4.18 22.35
N PHE B 101 6.34 -3.64 21.27
CA PHE B 101 6.40 -4.37 20.00
C PHE B 101 7.83 -4.44 19.49
N SER B 102 8.16 -5.54 18.81
CA SER B 102 9.32 -5.59 17.98
C SER B 102 9.16 -4.70 16.77
N LYS B 103 10.25 -4.53 16.01
CA LYS B 103 10.19 -3.90 14.70
CA LYS B 103 10.13 -3.87 14.73
C LYS B 103 9.20 -4.70 13.83
N PRO B 104 8.63 -4.07 12.79
CA PRO B 104 7.62 -4.79 12.02
C PRO B 104 8.21 -5.91 11.21
N PHE B 105 7.46 -6.99 11.09
CA PHE B 105 7.81 -8.06 10.15
C PHE B 105 7.06 -8.00 8.82
N MET B 106 6.05 -7.13 8.74
CA MET B 106 5.28 -6.97 7.52
C MET B 106 4.63 -5.62 7.58
N THR B 107 4.51 -4.96 6.41
CA THR B 107 3.85 -3.67 6.35
C THR B 107 2.53 -3.78 5.57
N LEU B 108 1.64 -2.88 5.88
CA LEU B 108 0.27 -2.98 5.36
C LEU B 108 -0.51 -1.71 5.60
N GLY B 109 -1.78 -1.71 5.16
CA GLY B 109 -2.64 -0.62 5.53
C GLY B 109 -4.09 -1.05 5.50
N ILE B 110 -4.94 -0.27 6.15
CA ILE B 110 -6.38 -0.57 6.08
C ILE B 110 -6.89 -0.26 4.67
N SER B 111 -7.82 -1.06 4.17
CA SER B 111 -8.51 -0.75 2.90
C SER B 111 -9.88 -1.39 2.92
N ILE B 112 -10.51 -1.46 1.76
CA ILE B 112 -11.92 -1.83 1.69
C ILE B 112 -12.07 -3.07 0.82
N LEU B 113 -12.84 -4.04 1.32
CA LEU B 113 -13.16 -5.24 0.52
C LEU B 113 -14.65 -5.11 0.14
N TYR B 114 -14.92 -5.29 -1.14
CA TYR B 114 -16.30 -5.20 -1.63
C TYR B 114 -16.42 -6.13 -2.82
N ARG B 115 -17.64 -6.35 -3.33
CA ARG B 115 -17.75 -7.12 -4.57
C ARG B 115 -17.30 -6.31 -5.80
N LYS B 116 -16.91 -7.02 -6.86
CA LYS B 116 -16.61 -6.43 -8.19
C LYS B 116 -17.88 -5.92 -8.88
N GLY B 117 -17.68 -5.07 -9.87
CA GLY B 117 -18.78 -4.73 -10.78
C GLY B 117 -19.74 -3.73 -10.19
N THR B 118 -19.26 -2.87 -9.29
CA THR B 118 -20.06 -1.77 -8.71
C THR B 118 -19.40 -0.41 -8.95
N PRO B 119 -20.15 0.68 -8.68
CA PRO B 119 -19.68 2.04 -8.81
C PRO B 119 -18.95 2.64 -7.60
N ILE B 120 -18.80 1.85 -6.53
CA ILE B 120 -18.10 2.34 -5.36
C ILE B 120 -16.58 2.26 -5.59
N ASP B 121 -15.90 3.34 -5.30
CA ASP B 121 -14.50 3.48 -5.67
C ASP B 121 -13.59 4.01 -4.57
N SER B 122 -14.15 4.33 -3.42
CA SER B 122 -13.39 4.95 -2.36
C SER B 122 -14.17 4.96 -1.05
N ALA B 123 -13.45 5.19 0.04
CA ALA B 123 -14.10 5.36 1.34
C ALA B 123 -15.14 6.47 1.24
N ASP B 124 -14.83 7.49 0.47
CA ASP B 124 -15.76 8.60 0.33
C ASP B 124 -17.06 8.14 -0.29
N ASP B 125 -17.01 7.24 -1.26
CA ASP B 125 -18.22 6.76 -1.88
C ASP B 125 -19.07 6.05 -0.81
N LEU B 126 -18.44 5.32 0.10
CA LEU B 126 -19.20 4.70 1.20
C LEU B 126 -19.72 5.69 2.20
N ALA B 127 -18.88 6.64 2.62
CA ALA B 127 -19.20 7.55 3.71
C ALA B 127 -20.36 8.48 3.41
N LYS B 128 -20.51 8.85 2.14
CA LYS B 128 -21.52 9.83 1.73
C LYS B 128 -22.89 9.18 1.40
N GLN B 129 -23.04 7.89 1.71
CA GLN B 129 -24.31 7.22 1.50
C GLN B 129 -24.67 6.33 2.70
N THR B 130 -25.92 5.85 2.78
CA THR B 130 -26.35 5.10 3.97
C THR B 130 -27.08 3.80 3.62
N LYS B 131 -27.15 3.46 2.34
CA LYS B 131 -27.77 2.24 1.90
C LYS B 131 -26.87 1.00 2.05
N ILE B 132 -25.65 1.08 1.49
CA ILE B 132 -24.64 0.03 1.62
C ILE B 132 -24.03 0.12 3.02
N GLU B 133 -24.11 -0.98 3.79
CA GLU B 133 -23.56 -0.97 5.12
C GLU B 133 -22.08 -1.34 5.02
N TYR B 134 -21.36 -0.98 6.04
CA TYR B 134 -19.94 -1.29 6.12
C TYR B 134 -19.52 -1.41 7.59
N GLY B 135 -18.39 -2.08 7.85
CA GLY B 135 -18.00 -2.32 9.21
C GLY B 135 -16.65 -3.00 9.26
N ALA B 136 -16.32 -3.49 10.44
CA ALA B 136 -15.02 -4.14 10.67
C ALA B 136 -15.18 -5.18 11.78
N VAL B 137 -14.08 -5.89 12.07
CA VAL B 137 -14.06 -6.82 13.22
C VAL B 137 -14.09 -6.07 14.55
N GLU B 138 -14.97 -6.51 15.46
CA GLU B 138 -15.03 -5.87 16.76
C GLU B 138 -13.71 -6.07 17.52
N ASP B 139 -13.30 -5.03 18.24
CA ASP B 139 -12.13 -5.12 19.13
C ASP B 139 -10.80 -5.31 18.40
N GLY B 140 -10.75 -5.02 17.10
CA GLY B 140 -9.48 -4.99 16.40
C GLY B 140 -8.99 -3.59 16.08
N ALA B 141 -7.77 -3.52 15.55
CA ALA B 141 -7.10 -2.26 15.25
C ALA B 141 -7.80 -1.44 14.11
N THR B 142 -8.46 -2.12 13.17
CA THR B 142 -9.18 -1.44 12.09
C THR B 142 -10.38 -0.68 12.69
N MET B 143 -11.16 -1.38 13.53
CA MET B 143 -12.26 -0.74 14.20
C MET B 143 -11.75 0.46 15.03
N THR B 144 -10.63 0.28 15.74
CA THR B 144 -10.07 1.34 16.59
C THR B 144 -9.63 2.50 15.76
N PHE B 145 -9.06 2.23 14.59
CA PHE B 145 -8.64 3.32 13.70
C PHE B 145 -9.81 4.27 13.42
N PHE B 146 -10.98 3.69 13.08
CA PHE B 146 -12.17 4.51 12.79
C PHE B 146 -12.70 5.20 14.03
N LYS B 147 -12.72 4.46 15.15
CA LYS B 147 -13.19 5.00 16.40
C LYS B 147 -12.40 6.25 16.86
N LYS B 148 -11.11 6.29 16.54
CA LYS B 148 -10.23 7.36 17.03
C LYS B 148 -9.99 8.48 16.02
N SER B 149 -10.46 8.30 14.78
CA SER B 149 -10.08 9.20 13.69
C SER B 149 -10.68 10.60 13.78
N LYS B 150 -9.86 11.61 13.51
CA LYS B 150 -10.34 12.99 13.43
C LYS B 150 -10.55 13.42 11.97
N ILE B 151 -10.22 12.55 11.02
CA ILE B 151 -10.46 12.83 9.61
C ILE B 151 -11.96 12.72 9.29
N SER B 152 -12.54 13.79 8.75
CA SER B 152 -13.99 13.85 8.64
C SER B 152 -14.62 12.62 7.97
N THR B 153 -14.05 12.12 6.87
CA THR B 153 -14.66 10.97 6.19
C THR B 153 -14.71 9.77 7.15
N TYR B 154 -13.61 9.56 7.84
CA TYR B 154 -13.49 8.39 8.71
C TYR B 154 -14.32 8.52 9.97
N ASP B 155 -14.37 9.74 10.48
CA ASP B 155 -15.19 10.12 11.61
C ASP B 155 -16.68 9.88 11.28
N LYS B 156 -17.07 10.24 10.06
CA LYS B 156 -18.45 10.03 9.62
C LYS B 156 -18.75 8.50 9.49
N MET B 157 -17.76 7.75 9.00
CA MET B 157 -17.91 6.31 8.92
C MET B 157 -18.06 5.69 10.29
N TRP B 158 -17.28 6.16 11.25
CA TRP B 158 -17.42 5.65 12.62
C TRP B 158 -18.80 5.95 13.24
N ALA B 159 -19.34 7.14 12.97
CA ALA B 159 -20.67 7.46 13.49
C ALA B 159 -21.66 6.47 12.95
N PHE B 160 -21.47 6.09 11.69
CA PHE B 160 -22.39 5.16 11.03
C PHE B 160 -22.24 3.77 11.61
N MET B 161 -21.00 3.30 11.69
CA MET B 161 -20.73 1.99 12.32
C MET B 161 -21.20 1.87 13.76
N SER B 162 -20.86 2.86 14.58
CA SER B 162 -21.29 2.86 15.98
C SER B 162 -22.83 2.83 16.11
N SER B 163 -23.51 3.55 15.25
CA SER B 163 -24.99 3.61 15.34
C SER B 163 -25.66 2.27 15.01
N ARG B 164 -24.96 1.45 14.25
CA ARG B 164 -25.45 0.13 13.84
C ARG B 164 -24.48 -0.95 14.26
N ARG B 165 -23.89 -0.80 15.44
CA ARG B 165 -22.76 -1.68 15.77
C ARG B 165 -23.09 -3.16 15.78
N GLN B 166 -24.26 -3.54 16.32
CA GLN B 166 -24.56 -4.94 16.37
C GLN B 166 -24.79 -5.57 15.01
N SER B 167 -25.18 -4.74 14.03
CA SER B 167 -25.46 -5.24 12.68
C SER B 167 -24.23 -5.21 11.76
N VAL B 168 -23.31 -4.28 12.02
CA VAL B 168 -22.23 -4.04 11.03
C VAL B 168 -20.82 -4.40 11.52
N LEU B 169 -20.59 -4.47 12.83
CA LEU B 169 -19.32 -5.02 13.34
C LEU B 169 -19.47 -6.54 13.37
N VAL B 170 -18.46 -7.25 12.90
CA VAL B 170 -18.51 -8.68 12.84
C VAL B 170 -17.51 -9.26 13.83
N LYS B 171 -17.59 -10.57 14.08
CA LYS B 171 -16.67 -11.17 15.05
C LYS B 171 -15.40 -11.74 14.46
N SER B 172 -15.36 -11.85 13.14
CA SER B 172 -14.19 -12.46 12.47
C SER B 172 -14.05 -11.97 11.06
N ASN B 173 -12.85 -12.15 10.54
CA ASN B 173 -12.57 -12.01 9.11
C ASN B 173 -13.56 -12.81 8.25
N GLU B 174 -13.73 -14.11 8.55
CA GLU B 174 -14.65 -14.97 7.81
C GLU B 174 -16.08 -14.43 7.77
N GLU B 175 -16.56 -13.95 8.92
CA GLU B 175 -17.91 -13.38 8.97
C GLU B 175 -18.02 -12.12 8.08
N GLY B 176 -16.98 -11.29 8.12
CA GLY B 176 -16.95 -10.06 7.30
C GLY B 176 -17.02 -10.42 5.82
N ILE B 177 -16.23 -11.41 5.41
CA ILE B 177 -16.15 -11.81 4.03
C ILE B 177 -17.49 -12.44 3.60
N GLN B 178 -18.12 -13.14 4.52
CA GLN B 178 -19.45 -13.67 4.22
C GLN B 178 -20.48 -12.59 4.05
N ARG B 179 -20.43 -11.54 4.86
CA ARG B 179 -21.35 -10.42 4.74
C ARG B 179 -21.19 -9.69 3.39
N VAL B 180 -19.96 -9.59 2.89
CA VAL B 180 -19.70 -8.99 1.57
C VAL B 180 -20.27 -9.85 0.44
N LEU B 181 -20.01 -11.15 0.53
CA LEU B 181 -20.54 -12.09 -0.46
C LEU B 181 -22.09 -12.20 -0.49
N THR B 182 -22.77 -11.87 0.61
CA THR B 182 -24.23 -12.20 0.71
C THR B 182 -25.18 -11.03 0.96
N SER B 183 -24.66 -9.85 1.18
CA SER B 183 -25.49 -8.69 1.47
C SER B 183 -24.85 -7.45 0.91
N ASP B 184 -25.54 -6.31 0.99
CA ASP B 184 -24.96 -5.06 0.48
C ASP B 184 -24.02 -4.48 1.53
N TYR B 185 -22.81 -5.06 1.57
CA TYR B 185 -21.86 -4.79 2.65
C TYR B 185 -20.41 -4.69 2.14
N ALA B 186 -19.75 -3.66 2.63
CA ALA B 186 -18.28 -3.48 2.39
C ALA B 186 -17.53 -3.73 3.71
N PHE B 187 -16.41 -4.42 3.63
CA PHE B 187 -15.69 -4.85 4.86
C PHE B 187 -14.34 -4.12 4.96
N LEU B 188 -14.14 -3.39 6.05
CA LEU B 188 -12.87 -2.70 6.25
C LEU B 188 -11.89 -3.66 6.92
N MET B 189 -10.71 -3.76 6.32
CA MET B 189 -9.77 -4.80 6.71
C MET B 189 -8.40 -4.48 6.15
N GLU B 190 -7.41 -5.23 6.61
CA GLU B 190 -6.00 -4.91 6.24
C GLU B 190 -5.61 -5.47 4.87
N SER B 191 -4.74 -4.72 4.18
CA SER B 191 -4.40 -4.99 2.78
C SER B 191 -3.72 -6.35 2.62
N THR B 192 -2.89 -6.76 3.59
CA THR B 192 -2.24 -8.05 3.49
C THR B 192 -3.28 -9.20 3.43
N THR B 193 -4.28 -9.13 4.29
CA THR B 193 -5.33 -10.10 4.31
C THR B 193 -6.24 -9.99 3.08
N ILE B 194 -6.45 -8.77 2.59
CA ILE B 194 -7.18 -8.55 1.31
C ILE B 194 -6.52 -9.30 0.17
N GLU B 195 -5.17 -9.23 0.10
CA GLU B 195 -4.42 -9.95 -0.95
CA GLU B 195 -4.46 -9.93 -0.97
C GLU B 195 -4.75 -11.42 -0.95
N PHE B 196 -4.74 -12.01 0.26
CA PHE B 196 -5.07 -13.43 0.36
C PHE B 196 -6.52 -13.72 -0.07
N VAL B 197 -7.46 -12.94 0.47
CA VAL B 197 -8.91 -13.17 0.23
C VAL B 197 -9.28 -13.05 -1.27
N THR B 198 -8.80 -11.97 -1.89
CA THR B 198 -9.17 -11.65 -3.26
C THR B 198 -8.56 -12.63 -4.25
N GLN B 199 -7.45 -13.26 -3.88
CA GLN B 199 -6.88 -14.29 -4.75
C GLN B 199 -7.65 -15.63 -4.70
N ARG B 200 -8.49 -15.80 -3.69
CA ARG B 200 -9.23 -17.03 -3.52
CA ARG B 200 -9.23 -17.04 -3.51
C ARG B 200 -10.74 -16.86 -3.75
N ASN B 201 -11.17 -15.60 -3.89
CA ASN B 201 -12.56 -15.23 -4.10
C ASN B 201 -12.60 -14.24 -5.25
N CYS B 202 -12.75 -14.75 -6.46
CA CYS B 202 -12.54 -13.95 -7.66
C CYS B 202 -13.62 -12.90 -7.95
N ASN B 203 -14.73 -12.95 -7.21
CA ASN B 203 -15.76 -11.95 -7.32
C ASN B 203 -15.55 -10.80 -6.33
N LEU B 204 -14.50 -10.87 -5.53
CA LEU B 204 -14.22 -9.80 -4.56
C LEU B 204 -13.01 -8.97 -5.02
N THR B 205 -12.95 -7.73 -4.54
CA THR B 205 -11.91 -6.83 -4.93
C THR B 205 -11.61 -5.80 -3.85
N GLN B 206 -10.38 -5.30 -3.83
CA GLN B 206 -10.08 -4.14 -2.98
C GLN B 206 -10.74 -2.92 -3.63
N ILE B 207 -11.20 -1.99 -2.80
CA ILE B 207 -11.74 -0.73 -3.28
C ILE B 207 -10.85 0.42 -2.81
N GLY B 208 -10.40 1.23 -3.77
CA GLY B 208 -9.50 2.33 -3.47
C GLY B 208 -8.13 1.87 -2.96
N GLY B 209 -7.42 2.83 -2.37
CA GLY B 209 -6.04 2.60 -1.92
C GLY B 209 -6.00 2.30 -0.43
N LEU B 210 -4.84 2.54 0.17
CA LEU B 210 -4.71 2.32 1.61
C LEU B 210 -5.11 3.55 2.38
N ILE B 211 -5.83 3.30 3.43
CA ILE B 211 -6.39 4.35 4.27
C ILE B 211 -5.41 4.84 5.35
N ASP B 212 -4.51 3.94 5.76
CA ASP B 212 -3.44 4.30 6.68
C ASP B 212 -2.21 3.45 6.34
N SER B 213 -1.16 3.60 7.13
CA SER B 213 0.03 2.79 6.92
C SER B 213 0.47 2.26 8.29
N LYS B 214 0.71 0.97 8.39
CA LYS B 214 1.15 0.40 9.67
C LYS B 214 1.94 -0.88 9.44
N GLY B 215 2.33 -1.53 10.53
CA GLY B 215 3.03 -2.79 10.38
C GLY B 215 2.56 -3.77 11.41
N TYR B 216 2.78 -5.06 11.14
CA TYR B 216 2.60 -6.09 12.21
C TYR B 216 3.92 -6.34 12.96
N GLY B 217 3.82 -6.50 14.27
CA GLY B 217 4.99 -6.78 15.08
C GLY B 217 4.69 -7.81 16.13
N VAL B 218 5.75 -8.40 16.66
CA VAL B 218 5.57 -9.34 17.80
C VAL B 218 5.35 -8.52 19.04
N GLY B 219 4.33 -8.88 19.82
CA GLY B 219 4.01 -8.17 21.04
C GLY B 219 4.68 -8.83 22.25
N THR B 220 5.12 -8.00 23.20
CA THR B 220 5.65 -8.55 24.48
C THR B 220 5.08 -7.69 25.58
N PRO B 221 5.06 -8.22 26.82
CA PRO B 221 4.69 -7.33 27.92
C PRO B 221 5.67 -6.19 27.93
N MET B 222 5.23 -5.04 28.44
CA MET B 222 6.12 -3.89 28.49
C MET B 222 7.36 -4.21 29.32
N GLY B 223 8.51 -3.89 28.76
CA GLY B 223 9.77 -4.07 29.49
C GLY B 223 10.42 -5.40 29.30
N SER B 224 9.78 -6.29 28.51
CA SER B 224 10.30 -7.59 28.32
C SER B 224 11.70 -7.55 27.67
N PRO B 225 12.62 -8.36 28.18
CA PRO B 225 13.94 -8.46 27.60
C PRO B 225 13.88 -9.08 26.21
N TYR B 226 12.77 -9.78 25.89
CA TYR B 226 12.70 -10.45 24.59
C TYR B 226 12.47 -9.51 23.40
N ARG B 227 11.95 -8.32 23.64
CA ARG B 227 11.50 -7.44 22.54
C ARG B 227 12.68 -7.06 21.63
N ASP B 228 13.81 -6.66 22.23
CA ASP B 228 14.94 -6.23 21.38
C ASP B 228 15.58 -7.44 20.71
N LYS B 229 15.56 -8.58 21.38
CA LYS B 229 16.11 -9.82 20.78
C LYS B 229 15.30 -10.22 19.59
N ILE B 230 13.97 -10.15 19.72
CA ILE B 230 13.06 -10.48 18.63
CA ILE B 230 13.12 -10.50 18.60
C ILE B 230 13.30 -9.53 17.43
N THR B 231 13.52 -8.24 17.74
CA THR B 231 13.79 -7.26 16.66
C THR B 231 15.05 -7.65 15.90
N ILE B 232 16.10 -8.06 16.62
CA ILE B 232 17.35 -8.50 15.97
C ILE B 232 17.07 -9.72 15.09
N ALA B 233 16.27 -10.65 15.58
CA ALA B 233 15.98 -11.88 14.76
C ALA B 233 15.17 -11.54 13.49
N ILE B 234 14.19 -10.67 13.64
CA ILE B 234 13.30 -10.32 12.50
C ILE B 234 14.14 -9.56 11.45
N LEU B 235 14.99 -8.62 11.88
CA LEU B 235 15.83 -7.88 10.92
CA LEU B 235 15.83 -7.88 10.92
C LEU B 235 16.76 -8.82 10.16
N GLN B 236 17.33 -9.83 10.87
CA GLN B 236 18.14 -10.84 10.17
C GLN B 236 17.34 -11.64 9.12
N LEU B 237 16.16 -12.12 9.53
CA LEU B 237 15.27 -12.84 8.61
C LEU B 237 14.89 -11.97 7.41
N GLN B 238 14.72 -10.68 7.62
CA GLN B 238 14.35 -9.78 6.52
CA GLN B 238 14.34 -9.79 6.50
C GLN B 238 15.52 -9.59 5.57
N GLU B 239 16.69 -9.34 6.14
CA GLU B 239 17.84 -9.02 5.35
C GLU B 239 18.19 -10.23 4.47
N GLU B 240 18.02 -11.42 5.00
CA GLU B 240 18.39 -12.62 4.25
C GLU B 240 17.31 -13.09 3.28
N GLY B 241 16.18 -12.40 3.29
CA GLY B 241 15.09 -12.71 2.35
C GLY B 241 14.14 -13.82 2.80
N LYS B 242 14.32 -14.29 4.03
CA LYS B 242 13.45 -15.34 4.59
C LYS B 242 12.01 -14.82 4.81
N LEU B 243 11.82 -13.59 5.27
CA LEU B 243 10.46 -13.09 5.38
C LEU B 243 9.75 -13.03 4.06
N HIS B 244 10.48 -12.66 2.99
CA HIS B 244 9.85 -12.60 1.66
C HIS B 244 9.48 -14.00 1.19
N MET B 245 10.37 -14.96 1.42
CA MET B 245 10.12 -16.36 1.05
C MET B 245 8.88 -16.92 1.82
N MET B 246 8.74 -16.56 3.08
CA MET B 246 7.59 -17.02 3.89
C MET B 246 6.29 -16.39 3.41
N LYS B 247 6.35 -15.12 2.99
CA LYS B 247 5.15 -14.46 2.43
C LYS B 247 4.75 -15.19 1.14
N GLU B 248 5.73 -15.48 0.28
CA GLU B 248 5.43 -16.20 -0.98
C GLU B 248 4.87 -17.60 -0.73
N LYS B 249 5.41 -18.28 0.27
CA LYS B 249 4.89 -19.59 0.64
C LYS B 249 3.40 -19.56 1.00
N TRP B 250 2.99 -18.61 1.80
CA TRP B 250 1.64 -18.64 2.40
C TRP B 250 0.60 -17.85 1.60
N TRP B 251 1.03 -16.99 0.68
CA TRP B 251 0.06 -16.24 -0.13
C TRP B 251 0.00 -16.81 -1.56
N ARG B 252 0.92 -17.70 -1.90
CA ARG B 252 0.94 -18.32 -3.24
C ARG B 252 -0.36 -19.07 -3.55
N GLY B 253 -0.64 -19.23 -4.84
CA GLY B 253 -1.82 -19.95 -5.29
C GLY B 253 -2.21 -19.53 -6.70
N ASN B 254 -3.26 -20.14 -7.22
CA ASN B 254 -3.77 -19.79 -8.55
C ASN B 254 -4.52 -18.45 -8.55
N GLY B 255 -4.13 -17.55 -9.44
CA GLY B 255 -4.76 -16.23 -9.55
C GLY B 255 -6.15 -16.31 -10.14
N CYS B 256 -6.78 -15.16 -10.32
CA CYS B 256 -8.14 -15.14 -10.86
C CYS B 256 -8.14 -15.03 -12.39
N PRO B 257 -9.18 -15.61 -13.05
CA PRO B 257 -9.31 -15.62 -14.52
C PRO B 257 -8.93 -14.29 -15.16
O NDZ C . 3.09 12.63 -11.35
C NDZ C . 4.30 12.66 -11.02
OXT NDZ C . 4.94 13.72 -10.98
CA NDZ C . 5.07 11.39 -10.71
N NDZ C . 4.32 10.17 -11.12
CB NDZ C . 6.44 11.43 -11.42
CAJ NDZ C . 7.42 10.37 -10.83
CAD NDZ C . 7.59 10.55 -9.38
OAA NDZ C . 7.50 9.58 -8.56
OAE NDZ C . 7.82 11.71 -8.98
CAR NDZ C . 8.81 10.50 -11.48
OAI NDZ C . 6.95 9.03 -11.12
CAH NDZ C . 7.81 8.33 -11.96
CAQ NDZ C . 9.16 9.04 -11.83
OAP NDZ C . 9.83 8.52 -10.64
CAO NDZ C . 9.88 7.12 -10.42
CAF NDZ C . 8.49 6.44 -10.32
OAB NDZ C . 7.84 7.07 -9.19
CAG NDZ C . 7.80 6.81 -11.66
OAC NDZ C . 6.45 6.34 -11.57
O NDZ D . -4.05 -6.19 15.20
C NDZ D . -5.30 -6.08 14.98
OXT NDZ D . -6.07 -5.68 15.86
CA NDZ D . -5.85 -6.39 13.60
N NDZ D . -4.82 -7.00 12.72
CB NDZ D . -7.08 -7.30 13.69
CAJ NDZ D . -7.95 -7.29 12.41
CAD NDZ D . -8.33 -5.87 12.07
OAA NDZ D . -8.12 -5.43 10.88
OAE NDZ D . -8.76 -5.08 12.97
CAR NDZ D . -9.21 -8.17 12.59
OAI NDZ D . -7.18 -7.85 11.37
CAH NDZ D . -7.75 -9.09 10.91
CAQ NDZ D . -9.24 -8.95 11.29
OAP NDZ D . -9.94 -8.07 10.38
CAO NDZ D . -9.84 -8.62 9.04
CAF NDZ D . -8.40 -8.48 8.49
OAB NDZ D . -7.96 -7.10 8.58
CAG NDZ D . -7.53 -9.34 9.43
OAC NDZ D . -6.16 -9.21 9.05
#